data_4GFM
#
_entry.id   4GFM
#
_cell.length_a   93.094
_cell.length_b   102.084
_cell.length_c   67.754
_cell.angle_alpha   90.00
_cell.angle_beta   90.00
_cell.angle_gamma   90.00
#
_symmetry.space_group_name_H-M   'C 2 2 21'
#
loop_
_entity.id
_entity.type
_entity.pdbx_description
1 polymer 'Tyrosine-protein kinase JAK2'
2 non-polymer 2,6-dichloro-N-(2-oxo-2,5-dihydropyridin-4-yl)benzamide
3 water water
#
_entity_poly.entity_id   1
_entity_poly.type   'polypeptide(L)'
_entity_poly.pdbx_seq_one_letter_code
;GSSGAFEDRDPTQFEERHLKFLQQLGKGNFGSVEMCRYDPLQDNTGEVVAVKKLQHSTEEHLRDFEREIEILKSLQHDNI
VKYKGVCYSAGRRNLKLIMEYLPYGSLRDYLQKHKERIDHIKLLQYTSQICKGMEYLGTKRYIHRDLATRNILVENENRV
KIGDFGLTKVLPQDKE(PTR)(PTR)KVKEPGESPIFWYAPESLTESKFSVASDVWSFGVVLYELFTYIEKSKSPPAEFM
RMIGNDKQGQMIVFHLIELLKNNGRLPRPDGCPDEIYMIMTECWNNNVNQRPSFRDLALRVDQIRDNMAG
;
_entity_poly.pdbx_strand_id   A
#
loop_
_chem_comp.id
_chem_comp.type
_chem_comp.name
_chem_comp.formula
0X2 non-polymer 2,6-dichloro-N-(2-oxo-2,5-dihydropyridin-4-yl)benzamide 'C12 H8 Cl2 N2 O2'
#
# COMPACT_ATOMS: atom_id res chain seq x y z
N ASP A 10 12.86 28.07 4.63
CA ASP A 10 12.66 26.59 4.74
C ASP A 10 11.29 26.18 4.19
N PRO A 11 11.27 25.56 2.99
CA PRO A 11 10.03 25.20 2.30
C PRO A 11 9.42 23.86 2.71
N THR A 12 10.03 23.17 3.66
CA THR A 12 9.40 22.03 4.35
C THR A 12 8.47 22.56 5.44
N GLN A 13 8.52 23.89 5.62
CA GLN A 13 7.60 24.59 6.51
C GLN A 13 6.50 25.28 5.68
N PHE A 14 5.30 24.72 5.78
CA PHE A 14 4.09 25.20 5.12
C PHE A 14 3.17 25.82 6.17
N GLU A 15 2.89 27.11 6.03
CA GLU A 15 1.89 27.80 6.87
C GLU A 15 0.49 27.28 6.50
N GLU A 16 -0.24 26.84 7.49
CA GLU A 16 -1.58 26.25 7.30
C GLU A 16 -2.61 27.19 6.66
N ARG A 17 -2.42 28.50 6.83
CA ARG A 17 -3.39 29.49 6.35
C ARG A 17 -3.27 29.71 4.85
N HIS A 18 -2.15 29.29 4.27
CA HIS A 18 -1.89 29.41 2.84
C HIS A 18 -2.27 28.17 2.07
N LEU A 19 -2.68 27.13 2.79
CA LEU A 19 -3.08 25.88 2.16
C LEU A 19 -4.55 26.01 1.78
N LYS A 20 -4.83 26.09 0.48
CA LYS A 20 -6.22 26.21 0.04
C LYS A 20 -6.83 24.87 -0.37
N PHE A 21 -7.93 24.49 0.29
CA PHE A 21 -8.61 23.24 -0.02
C PHE A 21 -9.12 23.24 -1.45
N LEU A 22 -8.82 22.17 -2.19
CA LEU A 22 -9.31 22.03 -3.55
C LEU A 22 -10.28 20.86 -3.68
N GLN A 23 -9.82 19.65 -3.33
N GLN A 23 -9.83 19.65 -3.32
CA GLN A 23 -10.63 18.44 -3.42
CA GLN A 23 -10.64 18.44 -3.45
C GLN A 23 -10.28 17.45 -2.31
C GLN A 23 -10.28 17.40 -2.37
N GLN A 24 -11.29 16.72 -1.85
CA GLN A 24 -11.09 15.57 -0.98
C GLN A 24 -10.60 14.42 -1.87
N LEU A 25 -9.41 13.89 -1.59
CA LEU A 25 -8.86 12.80 -2.40
C LEU A 25 -9.34 11.42 -1.92
N GLY A 26 -9.46 11.24 -0.60
CA GLY A 26 -10.06 10.02 -0.05
C GLY A 26 -9.72 9.83 1.42
N LYS A 27 -9.94 8.61 1.91
CA LYS A 27 -9.68 8.26 3.32
C LYS A 27 -8.89 6.96 3.42
N GLY A 28 -7.94 6.94 4.36
CA GLY A 28 -7.10 5.78 4.59
C GLY A 28 -6.74 5.65 6.04
N ASN A 29 -6.91 4.44 6.57
CA ASN A 29 -6.70 4.15 8.00
C ASN A 29 -7.16 5.29 8.92
N PHE A 30 -6.21 5.92 9.58
CA PHE A 30 -6.48 6.90 10.64
C PHE A 30 -6.69 8.32 10.10
N GLY A 31 -6.46 8.49 8.79
CA GLY A 31 -6.51 9.82 8.19
C GLY A 31 -7.32 10.04 6.94
N SER A 32 -7.38 11.31 6.51
CA SER A 32 -7.95 11.68 5.22
C SER A 32 -6.88 12.43 4.43
N VAL A 33 -6.98 12.41 3.10
CA VAL A 33 -6.05 13.11 2.22
C VAL A 33 -6.79 14.12 1.34
N GLU A 34 -6.22 15.32 1.22
CA GLU A 34 -6.83 16.40 0.45
C GLU A 34 -5.87 16.97 -0.56
N MET A 35 -6.42 17.38 -1.68
CA MET A 35 -5.70 18.12 -2.70
C MET A 35 -5.83 19.58 -2.28
N CYS A 36 -4.68 20.24 -2.12
CA CYS A 36 -4.64 21.63 -1.72
C CYS A 36 -3.66 22.41 -2.61
N ARG A 37 -3.89 23.71 -2.74
CA ARG A 37 -2.90 24.57 -3.34
C ARG A 37 -2.22 25.35 -2.23
N TYR A 38 -0.89 25.20 -2.15
CA TYR A 38 -0.13 26.01 -1.23
C TYR A 38 0.09 27.35 -1.92
N ASP A 39 -0.68 28.34 -1.47
CA ASP A 39 -0.82 29.56 -2.23
C ASP A 39 -0.53 30.83 -1.40
N PRO A 40 0.73 31.00 -0.96
CA PRO A 40 1.05 32.10 -0.07
C PRO A 40 1.05 33.48 -0.75
N LEU A 41 0.94 33.52 -2.07
CA LEU A 41 0.77 34.79 -2.79
C LEU A 41 -0.69 35.18 -2.95
N GLN A 42 -1.58 34.28 -2.54
CA GLN A 42 -3.04 34.51 -2.56
C GLN A 42 -3.54 34.90 -3.95
N ASP A 43 -2.94 34.30 -4.97
CA ASP A 43 -3.27 34.61 -6.38
C ASP A 43 -3.52 33.35 -7.21
N ASN A 44 -3.73 32.23 -6.51
CA ASN A 44 -3.99 30.92 -7.14
C ASN A 44 -2.87 30.37 -8.04
N THR A 45 -1.65 30.90 -7.93
CA THR A 45 -0.52 30.39 -8.74
C THR A 45 0.33 29.34 -8.03
N GLY A 46 0.05 29.07 -6.76
CA GLY A 46 0.89 28.19 -5.94
C GLY A 46 0.87 26.72 -6.34
N GLU A 47 1.80 25.95 -5.76
CA GLU A 47 1.90 24.52 -6.00
C GLU A 47 0.72 23.75 -5.42
N VAL A 48 0.20 22.83 -6.21
CA VAL A 48 -0.83 21.92 -5.75
C VAL A 48 -0.15 20.74 -5.10
N VAL A 49 -0.50 20.48 -3.84
CA VAL A 49 0.10 19.39 -3.05
C VAL A 49 -0.99 18.46 -2.49
N ALA A 50 -0.56 17.30 -1.99
CA ALA A 50 -1.46 16.40 -1.27
C ALA A 50 -1.21 16.55 0.22
N VAL A 51 -2.29 16.63 0.99
CA VAL A 51 -2.19 16.90 2.43
C VAL A 51 -2.91 15.80 3.22
N LYS A 52 -2.16 15.03 4.01
CA LYS A 52 -2.76 14.03 4.91
C LYS A 52 -2.93 14.59 6.32
N LYS A 53 -4.11 14.37 6.90
N LYS A 53 -4.12 14.38 6.88
CA LYS A 53 -4.38 14.79 8.26
CA LYS A 53 -4.50 14.85 8.21
C LYS A 53 -5.22 13.75 8.98
C LYS A 53 -5.19 13.72 8.96
N LEU A 54 -5.17 13.77 10.30
CA LEU A 54 -5.90 12.81 11.13
C LEU A 54 -7.35 13.21 11.26
N GLN A 55 -8.24 12.22 11.14
CA GLN A 55 -9.67 12.42 11.32
C GLN A 55 -9.97 12.59 12.82
N HIS A 56 -9.30 11.78 13.64
CA HIS A 56 -9.36 11.90 15.11
C HIS A 56 -7.99 12.05 15.69
N SER A 57 -7.62 13.30 15.95
CA SER A 57 -6.28 13.64 16.45
C SER A 57 -6.13 13.34 17.96
N THR A 58 -6.24 12.07 18.33
CA THR A 58 -6.03 11.61 19.71
C THR A 58 -4.54 11.53 20.04
N GLU A 59 -4.21 11.22 21.30
CA GLU A 59 -2.84 11.01 21.75
C GLU A 59 -2.16 9.87 21.00
N GLU A 60 -2.78 8.71 21.00
CA GLU A 60 -2.24 7.50 20.37
C GLU A 60 -2.00 7.70 18.89
N HIS A 61 -2.97 8.29 18.20
CA HIS A 61 -2.92 8.46 16.75
C HIS A 61 -1.89 9.46 16.29
N LEU A 62 -1.77 10.59 17.00
CA LEU A 62 -0.73 11.60 16.76
C LEU A 62 0.70 11.05 16.90
N ARG A 63 0.91 10.10 17.82
CA ARG A 63 2.20 9.43 17.95
C ARG A 63 2.49 8.51 16.76
N ASP A 64 1.48 7.78 16.33
CA ASP A 64 1.63 6.88 15.18
C ASP A 64 1.80 7.70 13.91
N PHE A 65 1.07 8.80 13.83
CA PHE A 65 1.15 9.70 12.69
C PHE A 65 2.54 10.37 12.61
N GLU A 66 3.04 10.83 13.75
CA GLU A 66 4.38 11.37 13.79
C GLU A 66 5.40 10.35 13.28
N ARG A 67 5.24 9.10 13.71
CA ARG A 67 6.10 8.02 13.27
C ARG A 67 5.98 7.76 11.78
N GLU A 68 4.75 7.84 11.26
CA GLU A 68 4.49 7.66 9.83
C GLU A 68 5.21 8.74 9.02
N ILE A 69 5.09 9.98 9.48
CA ILE A 69 5.78 11.12 8.87
C ILE A 69 7.30 10.91 8.83
N GLU A 70 7.88 10.53 9.98
CA GLU A 70 9.32 10.20 10.04
C GLU A 70 9.73 9.07 9.09
N ILE A 71 8.89 8.04 9.00
CA ILE A 71 9.12 6.96 8.04
C ILE A 71 9.22 7.52 6.61
N LEU A 72 8.18 8.22 6.15
CA LEU A 72 8.11 8.70 4.76
C LEU A 72 9.21 9.68 4.42
N LYS A 73 9.52 10.54 5.37
CA LYS A 73 10.60 11.51 5.24
C LYS A 73 11.96 10.79 5.08
N SER A 74 12.08 9.59 5.64
CA SER A 74 13.36 8.86 5.58
C SER A 74 13.50 8.07 4.27
N LEU A 75 12.44 8.06 3.46
CA LEU A 75 12.40 7.24 2.25
C LEU A 75 12.56 8.11 1.01
N GLN A 76 13.62 7.85 0.24
N GLN A 76 13.61 7.84 0.24
CA GLN A 76 13.84 8.57 -1.02
CA GLN A 76 13.89 8.57 -1.00
C GLN A 76 14.10 7.59 -2.14
C GLN A 76 14.10 7.56 -2.13
N HIS A 77 13.08 7.36 -2.96
CA HIS A 77 13.11 6.34 -4.00
C HIS A 77 12.11 6.69 -5.05
N ASP A 78 12.38 6.34 -6.31
CA ASP A 78 11.51 6.71 -7.46
C ASP A 78 10.09 6.14 -7.35
N ASN A 79 9.97 5.01 -6.66
CA ASN A 79 8.68 4.34 -6.53
C ASN A 79 8.08 4.48 -5.15
N ILE A 80 8.42 5.57 -4.46
CA ILE A 80 7.82 5.92 -3.17
C ILE A 80 7.43 7.39 -3.22
N VAL A 81 6.19 7.69 -2.83
CA VAL A 81 5.66 9.06 -2.89
C VAL A 81 6.59 10.03 -2.13
N LYS A 82 6.81 11.22 -2.69
CA LYS A 82 7.72 12.17 -2.07
C LYS A 82 7.12 12.92 -0.89
N TYR A 83 7.86 12.92 0.21
CA TYR A 83 7.61 13.78 1.35
C TYR A 83 7.97 15.22 0.94
N LYS A 84 7.14 16.18 1.33
CA LYS A 84 7.45 17.60 1.09
C LYS A 84 7.65 18.42 2.35
N GLY A 85 6.88 18.12 3.39
CA GLY A 85 6.94 18.88 4.61
C GLY A 85 5.80 18.57 5.55
N VAL A 86 5.65 19.42 6.56
CA VAL A 86 4.60 19.25 7.56
C VAL A 86 3.98 20.59 7.93
N CYS A 87 2.75 20.54 8.43
CA CYS A 87 2.09 21.66 9.09
C CYS A 87 1.99 21.40 10.57
N TYR A 88 2.33 22.40 11.37
CA TYR A 88 2.09 22.36 12.80
C TYR A 88 0.98 23.35 13.13
N SER A 89 0.03 22.92 13.96
CA SER A 89 -0.99 23.82 14.49
C SER A 89 -0.56 24.25 15.88
N ALA A 90 -1.00 25.44 16.28
CA ALA A 90 -0.72 26.02 17.61
C ALA A 90 -1.39 25.25 18.76
N GLY A 91 -0.75 25.31 19.93
CA GLY A 91 -1.29 24.69 21.16
C GLY A 91 -1.28 23.17 21.13
N ARG A 92 -2.44 22.58 20.87
CA ARG A 92 -2.53 21.15 20.56
C ARG A 92 -1.72 20.95 19.29
N ARG A 93 -0.78 20.04 19.34
CA ARG A 93 0.23 19.95 18.29
C ARG A 93 -0.28 19.07 17.15
N ASN A 94 -1.31 19.56 16.46
CA ASN A 94 -1.91 18.84 15.33
C ASN A 94 -1.02 18.92 14.09
N LEU A 95 -1.05 17.85 13.31
CA LEU A 95 -0.04 17.61 12.29
C LEU A 95 -0.69 17.29 10.97
N LYS A 96 -0.19 17.94 9.93
CA LYS A 96 -0.58 17.63 8.58
C LYS A 96 0.67 17.28 7.83
N LEU A 97 0.58 16.18 7.07
CA LEU A 97 1.68 15.71 6.26
C LEU A 97 1.51 16.16 4.81
N ILE A 98 2.52 16.85 4.28
CA ILE A 98 2.48 17.41 2.93
C ILE A 98 3.29 16.51 2.02
N MET A 99 2.72 16.16 0.87
CA MET A 99 3.34 15.19 -0.04
C MET A 99 3.08 15.66 -1.46
N GLU A 100 3.81 15.12 -2.43
CA GLU A 100 3.56 15.46 -3.83
C GLU A 100 2.14 15.00 -4.21
N TYR A 101 1.47 15.79 -5.05
CA TYR A 101 0.19 15.37 -5.61
C TYR A 101 0.44 14.59 -6.90
N LEU A 102 -0.14 13.38 -6.97
CA LEU A 102 0.00 12.50 -8.13
C LEU A 102 -1.35 12.47 -8.81
N PRO A 103 -1.51 13.26 -9.88
CA PRO A 103 -2.81 13.57 -10.49
C PRO A 103 -3.60 12.38 -11.05
N TYR A 104 -2.91 11.29 -11.43
CA TYR A 104 -3.58 10.11 -11.97
C TYR A 104 -4.24 9.23 -10.90
N GLY A 105 -4.10 9.62 -9.63
CA GLY A 105 -4.75 8.91 -8.51
C GLY A 105 -4.21 7.50 -8.26
N SER A 106 -5.00 6.69 -7.56
CA SER A 106 -4.52 5.40 -7.09
C SER A 106 -4.49 4.39 -8.21
N LEU A 107 -3.59 3.42 -8.09
CA LEU A 107 -3.48 2.35 -9.07
C LEU A 107 -4.81 1.59 -9.16
N ARG A 108 -5.50 1.42 -8.03
CA ARG A 108 -6.78 0.74 -8.00
C ARG A 108 -7.83 1.42 -8.89
N ASP A 109 -7.98 2.74 -8.74
CA ASP A 109 -8.97 3.47 -9.53
C ASP A 109 -8.54 3.53 -10.99
N TYR A 110 -7.25 3.75 -11.21
CA TYR A 110 -6.67 3.85 -12.53
C TYR A 110 -6.95 2.57 -13.34
N LEU A 111 -6.68 1.43 -12.72
CA LEU A 111 -6.92 0.13 -13.34
C LEU A 111 -8.42 -0.17 -13.51
N GLN A 112 -9.21 0.10 -12.48
CA GLN A 112 -10.67 -0.03 -12.56
C GLN A 112 -11.26 0.82 -13.71
N LYS A 113 -10.65 1.98 -13.97
CA LYS A 113 -11.13 2.90 -15.02
C LYS A 113 -10.76 2.42 -16.43
N HIS A 114 -9.48 2.15 -16.66
CA HIS A 114 -8.98 1.80 -17.98
C HIS A 114 -9.00 0.32 -18.30
N LYS A 115 -9.15 -0.52 -17.27
CA LYS A 115 -9.24 -1.98 -17.44
C LYS A 115 -8.19 -2.59 -18.38
N GLU A 116 -8.64 -3.35 -19.37
CA GLU A 116 -7.73 -4.10 -20.24
C GLU A 116 -6.97 -3.25 -21.27
N ARG A 117 -7.31 -1.97 -21.36
CA ARG A 117 -6.54 -1.00 -22.17
C ARG A 117 -5.11 -0.79 -21.63
N ILE A 118 -4.89 -1.21 -20.40
CA ILE A 118 -3.56 -1.31 -19.82
C ILE A 118 -3.12 -2.74 -20.09
N ASP A 119 -2.12 -2.89 -20.95
CA ASP A 119 -1.68 -4.24 -21.35
C ASP A 119 -0.74 -4.86 -20.32
N HIS A 120 -0.38 -6.12 -20.54
CA HIS A 120 0.49 -6.86 -19.62
C HIS A 120 1.87 -6.24 -19.51
N ILE A 121 2.33 -5.62 -20.60
CA ILE A 121 3.60 -4.86 -20.64
C ILE A 121 3.62 -3.80 -19.53
N LYS A 122 2.56 -3.00 -19.49
CA LYS A 122 2.37 -1.96 -18.51
C LYS A 122 2.17 -2.51 -17.11
N LEU A 123 1.39 -3.57 -16.98
CA LEU A 123 1.12 -4.19 -15.66
C LEU A 123 2.42 -4.65 -15.01
N LEU A 124 3.28 -5.25 -15.81
CA LEU A 124 4.58 -5.73 -15.33
C LEU A 124 5.62 -4.62 -15.10
N GLN A 125 5.48 -3.49 -15.78
CA GLN A 125 6.28 -2.31 -15.45
C GLN A 125 5.88 -1.86 -14.03
N TYR A 126 4.58 -1.75 -13.80
CA TYR A 126 4.07 -1.38 -12.49
C TYR A 126 4.48 -2.38 -11.42
N THR A 127 4.38 -3.67 -11.74
CA THR A 127 4.77 -4.76 -10.84
C THR A 127 6.24 -4.62 -10.41
N SER A 128 7.12 -4.50 -11.40
CA SER A 128 8.54 -4.26 -11.19
C SER A 128 8.79 -3.07 -10.28
N GLN A 129 8.12 -1.96 -10.60
CA GLN A 129 8.24 -0.72 -9.81
C GLN A 129 7.76 -0.90 -8.37
N ILE A 130 6.64 -1.59 -8.17
CA ILE A 130 6.15 -1.88 -6.81
C ILE A 130 7.16 -2.74 -6.03
N CYS A 131 7.70 -3.77 -6.69
N CYS A 131 7.70 -3.75 -6.71
CA CYS A 131 8.76 -4.61 -6.12
CA CYS A 131 8.73 -4.61 -6.14
C CYS A 131 9.99 -3.78 -5.69
C CYS A 131 10.01 -3.84 -5.74
N LYS A 132 10.42 -2.89 -6.58
CA LYS A 132 11.61 -2.07 -6.32
C LYS A 132 11.43 -1.13 -5.13
N GLY A 133 10.24 -0.55 -5.01
CA GLY A 133 9.94 0.33 -3.87
C GLY A 133 9.88 -0.45 -2.56
N MET A 134 9.36 -1.68 -2.65
CA MET A 134 9.25 -2.58 -1.48
C MET A 134 10.62 -3.10 -1.03
N GLU A 135 11.48 -3.41 -1.99
CA GLU A 135 12.86 -3.84 -1.70
C GLU A 135 13.64 -2.75 -0.96
N TYR A 136 13.53 -1.52 -1.43
CA TYR A 136 14.17 -0.37 -0.79
C TYR A 136 13.63 -0.19 0.65
N LEU A 137 12.32 -0.28 0.79
CA LEU A 137 11.67 -0.23 2.10
C LEU A 137 12.28 -1.26 3.05
N GLY A 138 12.46 -2.47 2.55
CA GLY A 138 13.06 -3.57 3.34
C GLY A 138 14.47 -3.32 3.81
N THR A 139 15.26 -2.58 3.04
CA THR A 139 16.63 -2.23 3.42
C THR A 139 16.66 -1.25 4.59
N LYS A 140 15.51 -0.62 4.85
CA LYS A 140 15.34 0.28 5.99
C LYS A 140 14.67 -0.47 7.13
N ARG A 141 14.34 -1.74 6.91
CA ARG A 141 13.78 -2.59 7.96
C ARG A 141 12.39 -2.09 8.37
N TYR A 142 11.68 -1.58 7.38
CA TYR A 142 10.31 -1.15 7.51
C TYR A 142 9.41 -2.25 6.97
N ILE A 143 8.27 -2.46 7.64
CA ILE A 143 7.26 -3.42 7.17
C ILE A 143 6.00 -2.63 6.88
N HIS A 144 5.54 -2.72 5.62
CA HIS A 144 4.42 -1.94 5.16
C HIS A 144 3.10 -2.37 5.77
N ARG A 145 2.88 -3.69 5.84
CA ARG A 145 1.63 -4.29 6.38
C ARG A 145 0.34 -4.03 5.60
N ASP A 146 0.38 -3.15 4.60
CA ASP A 146 -0.85 -2.73 3.94
C ASP A 146 -0.66 -2.63 2.41
N LEU A 147 0.12 -3.53 1.84
CA LEU A 147 0.39 -3.43 0.41
C LEU A 147 -0.85 -3.86 -0.38
N ALA A 148 -1.41 -2.92 -1.14
CA ALA A 148 -2.64 -3.14 -1.93
C ALA A 148 -2.74 -2.05 -2.99
N THR A 149 -3.46 -2.31 -4.09
CA THR A 149 -3.53 -1.31 -5.18
C THR A 149 -4.10 0.03 -4.75
N ARG A 150 -4.95 0.06 -3.74
CA ARG A 150 -5.45 1.34 -3.22
C ARG A 150 -4.38 2.21 -2.54
N ASN A 151 -3.27 1.60 -2.12
CA ASN A 151 -2.17 2.31 -1.44
C ASN A 151 -0.99 2.60 -2.35
N ILE A 152 -1.22 2.46 -3.66
CA ILE A 152 -0.21 2.70 -4.68
C ILE A 152 -0.77 3.74 -5.62
N LEU A 153 0.06 4.70 -6.02
CA LEU A 153 -0.38 5.83 -6.82
C LEU A 153 0.28 5.85 -8.19
N VAL A 154 -0.45 6.38 -9.16
CA VAL A 154 0.05 6.53 -10.52
C VAL A 154 0.54 7.95 -10.75
N GLU A 155 1.82 8.09 -11.05
CA GLU A 155 2.37 9.41 -11.36
C GLU A 155 2.12 9.74 -12.82
N ASN A 156 2.32 8.74 -13.68
CA ASN A 156 1.98 8.83 -15.10
C ASN A 156 1.86 7.40 -15.67
N GLU A 157 1.48 7.29 -16.94
CA GLU A 157 1.40 5.99 -17.63
C GLU A 157 2.57 5.04 -17.34
N ASN A 158 3.77 5.58 -17.07
CA ASN A 158 4.97 4.76 -16.93
C ASN A 158 5.54 4.60 -15.52
N ARG A 159 4.89 5.20 -14.51
CA ARG A 159 5.42 5.19 -13.16
C ARG A 159 4.37 5.16 -12.05
N VAL A 160 4.51 4.18 -11.17
CA VAL A 160 3.73 4.12 -9.94
C VAL A 160 4.63 4.27 -8.72
N LYS A 161 4.01 4.64 -7.59
CA LYS A 161 4.72 4.79 -6.34
C LYS A 161 3.86 4.27 -5.21
N ILE A 162 4.48 3.58 -4.26
CA ILE A 162 3.78 3.30 -3.00
C ILE A 162 3.41 4.64 -2.35
N GLY A 163 2.16 4.79 -1.94
CA GLY A 163 1.64 6.12 -1.64
C GLY A 163 1.10 6.37 -0.25
N ASP A 164 1.00 5.33 0.57
CA ASP A 164 0.53 5.47 1.96
C ASP A 164 1.29 4.51 2.84
N PHE A 165 1.66 4.97 4.04
CA PHE A 165 2.50 4.20 4.96
C PHE A 165 1.90 4.22 6.37
N GLY A 166 0.57 4.32 6.43
CA GLY A 166 -0.17 4.46 7.69
C GLY A 166 -0.13 3.28 8.63
N LEU A 167 0.17 2.08 8.11
CA LEU A 167 0.34 0.90 8.97
C LEU A 167 1.79 0.44 9.11
N THR A 168 2.72 1.16 8.47
CA THR A 168 4.12 0.75 8.40
C THR A 168 4.76 0.71 9.79
N LYS A 169 5.47 -0.39 10.06
CA LYS A 169 6.17 -0.60 11.33
C LYS A 169 7.68 -0.75 11.10
N VAL A 170 8.45 -0.43 12.13
CA VAL A 170 9.88 -0.60 12.07
C VAL A 170 10.17 -1.89 12.81
N LEU A 171 10.95 -2.76 12.19
CA LEU A 171 11.43 -3.98 12.85
C LEU A 171 12.25 -3.62 14.10
N PRO A 172 12.08 -4.37 15.20
CA PRO A 172 13.02 -4.23 16.32
C PRO A 172 14.43 -4.61 15.86
N GLN A 173 15.43 -4.11 16.57
CA GLN A 173 16.84 -4.41 16.27
C GLN A 173 17.13 -5.92 16.21
N ASP A 174 16.53 -6.66 17.13
CA ASP A 174 16.91 -8.06 17.35
C ASP A 174 15.95 -9.09 16.74
N LYS A 175 14.85 -8.62 16.15
CA LYS A 175 13.85 -9.50 15.57
C LYS A 175 13.64 -9.23 14.07
N GLU A 176 13.25 -10.27 13.31
CA GLU A 176 12.93 -10.12 11.89
C GLU A 176 11.41 -10.03 11.64
N PTR A 177 10.62 -9.98 12.71
CA PTR A 177 9.17 -9.71 12.60
C PTR A 177 8.78 -8.65 13.60
O PTR A 177 9.50 -8.39 14.57
CB PTR A 177 8.33 -10.98 12.80
CG PTR A 177 8.55 -11.53 14.19
CD1 PTR A 177 9.57 -12.46 14.42
CD2 PTR A 177 7.74 -11.08 15.22
CE1 PTR A 177 9.76 -12.94 15.71
CE2 PTR A 177 7.93 -11.55 16.51
CZ PTR A 177 8.93 -12.48 16.76
OH PTR A 177 9.10 -12.91 18.04
P PTR A 177 9.11 -14.45 18.50
O1P PTR A 177 9.52 -14.29 19.94
O2P PTR A 177 10.11 -15.19 17.65
O3P PTR A 177 7.67 -14.87 18.27
N PTR A 178 7.64 -8.01 13.35
CA PTR A 178 7.01 -7.12 14.30
C PTR A 178 5.69 -7.74 14.67
O PTR A 178 4.92 -8.17 13.79
CB PTR A 178 6.85 -5.72 13.67
CG PTR A 178 6.34 -4.73 14.69
CD1 PTR A 178 4.97 -4.67 14.91
CD2 PTR A 178 7.20 -3.87 15.41
CE1 PTR A 178 4.47 -3.77 15.84
CE2 PTR A 178 6.68 -2.97 16.35
CZ PTR A 178 5.30 -2.92 16.55
OH PTR A 178 4.68 -2.10 17.46
P PTR A 178 5.03 -0.57 17.82
O1P PTR A 178 6.01 -0.71 18.96
O2P PTR A 178 3.67 -0.04 18.21
O3P PTR A 178 5.60 0.03 16.56
N LYS A 179 5.41 -7.81 15.98
CA LYS A 179 4.17 -8.38 16.48
C LYS A 179 3.19 -7.31 16.98
N VAL A 180 2.06 -7.15 16.29
CA VAL A 180 1.05 -6.14 16.68
C VAL A 180 0.16 -6.71 17.78
N LYS A 181 0.21 -6.08 18.97
CA LYS A 181 -0.42 -6.65 20.17
C LYS A 181 -1.92 -6.38 20.25
N GLU A 182 -2.33 -5.20 19.79
CA GLU A 182 -3.74 -4.85 19.75
C GLU A 182 -4.13 -4.32 18.37
N PRO A 183 -4.45 -5.23 17.44
CA PRO A 183 -4.74 -4.83 16.08
C PRO A 183 -5.94 -3.89 15.98
N GLY A 184 -5.80 -2.86 15.14
CA GLY A 184 -6.93 -2.04 14.71
C GLY A 184 -7.54 -2.65 13.46
N GLU A 185 -8.04 -1.79 12.56
CA GLU A 185 -8.61 -2.26 11.29
C GLU A 185 -7.51 -2.95 10.46
N SER A 186 -7.80 -4.17 10.01
CA SER A 186 -6.80 -5.03 9.38
C SER A 186 -7.27 -5.51 8.02
N PRO A 187 -6.44 -5.33 6.97
CA PRO A 187 -6.85 -5.81 5.65
C PRO A 187 -6.60 -7.32 5.52
N ILE A 188 -7.44 -8.11 6.19
CA ILE A 188 -7.23 -9.56 6.42
C ILE A 188 -7.14 -10.39 5.14
N PHE A 189 -7.79 -9.90 4.07
CA PHE A 189 -7.76 -10.60 2.76
C PHE A 189 -6.44 -10.42 1.99
N TRP A 190 -5.54 -9.64 2.57
CA TRP A 190 -4.18 -9.42 2.05
C TRP A 190 -3.16 -10.01 3.02
N TYR A 191 -3.64 -10.57 4.13
CA TYR A 191 -2.75 -10.99 5.20
C TYR A 191 -2.22 -12.39 5.03
N ALA A 192 -0.92 -12.54 5.30
CA ALA A 192 -0.26 -13.84 5.41
C ALA A 192 -0.85 -14.62 6.59
N PRO A 193 -0.82 -15.98 6.54
CA PRO A 193 -1.43 -16.81 7.58
C PRO A 193 -0.92 -16.48 8.99
N GLU A 194 0.39 -16.26 9.11
CA GLU A 194 1.00 -15.91 10.40
C GLU A 194 0.60 -14.51 10.93
N SER A 195 0.23 -13.62 10.02
CA SER A 195 -0.34 -12.32 10.41
C SER A 195 -1.76 -12.51 10.96
N LEU A 196 -2.53 -13.37 10.31
CA LEU A 196 -3.86 -13.75 10.82
C LEU A 196 -3.83 -14.48 12.17
N THR A 197 -2.89 -15.40 12.32
CA THR A 197 -2.86 -16.26 13.50
C THR A 197 -2.14 -15.64 14.69
N GLU A 198 -1.02 -14.96 14.43
CA GLU A 198 -0.15 -14.48 15.50
C GLU A 198 0.15 -12.99 15.41
N SER A 199 -0.51 -12.27 14.51
CA SER A 199 -0.24 -10.84 14.30
C SER A 199 1.24 -10.55 14.07
N LYS A 200 1.94 -11.45 13.36
CA LYS A 200 3.36 -11.30 13.07
C LYS A 200 3.53 -10.75 11.68
N PHE A 201 4.28 -9.66 11.58
CA PHE A 201 4.51 -8.97 10.32
C PHE A 201 5.99 -8.86 10.03
N SER A 202 6.37 -9.23 8.81
CA SER A 202 7.75 -9.31 8.40
C SER A 202 7.86 -8.95 6.93
N VAL A 203 9.11 -8.88 6.43
CA VAL A 203 9.34 -8.73 4.99
C VAL A 203 8.58 -9.84 4.24
N ALA A 204 8.58 -11.05 4.80
CA ALA A 204 7.93 -12.17 4.16
C ALA A 204 6.40 -12.03 4.07
N SER A 205 5.76 -11.51 5.11
CA SER A 205 4.31 -11.24 5.01
C SER A 205 3.99 -10.12 4.01
N ASP A 206 4.87 -9.13 3.88
CA ASP A 206 4.73 -8.09 2.85
C ASP A 206 4.80 -8.72 1.46
N VAL A 207 5.67 -9.70 1.28
CA VAL A 207 5.75 -10.46 0.00
C VAL A 207 4.45 -11.23 -0.27
N TRP A 208 3.87 -11.82 0.77
CA TRP A 208 2.55 -12.44 0.63
C TRP A 208 1.57 -11.43 0.09
N SER A 209 1.52 -10.24 0.69
CA SER A 209 0.59 -9.21 0.23
C SER A 209 0.92 -8.74 -1.20
N PHE A 210 2.20 -8.66 -1.54
CA PHE A 210 2.57 -8.36 -2.92
C PHE A 210 1.91 -9.33 -3.92
N GLY A 211 1.87 -10.63 -3.59
CA GLY A 211 1.20 -11.59 -4.47
C GLY A 211 -0.28 -11.29 -4.65
N VAL A 212 -0.91 -10.77 -3.61
CA VAL A 212 -2.30 -10.33 -3.72
C VAL A 212 -2.44 -9.07 -4.60
N VAL A 213 -1.50 -8.12 -4.47
CA VAL A 213 -1.46 -6.95 -5.36
C VAL A 213 -1.35 -7.40 -6.84
N LEU A 214 -0.48 -8.36 -7.10
CA LEU A 214 -0.33 -8.92 -8.43
C LEU A 214 -1.63 -9.52 -8.97
N TYR A 215 -2.34 -10.25 -8.10
CA TYR A 215 -3.67 -10.78 -8.42
C TYR A 215 -4.63 -9.64 -8.80
N GLU A 216 -4.64 -8.60 -7.97
CA GLU A 216 -5.44 -7.40 -8.18
C GLU A 216 -5.20 -6.85 -9.57
N LEU A 217 -3.92 -6.66 -9.89
CA LEU A 217 -3.52 -6.11 -11.17
C LEU A 217 -4.08 -6.93 -12.33
N PHE A 218 -3.89 -8.25 -12.26
CA PHE A 218 -4.29 -9.09 -13.37
C PHE A 218 -5.79 -9.44 -13.42
N THR A 219 -6.52 -9.08 -12.37
CA THR A 219 -7.98 -9.12 -12.43
C THR A 219 -8.56 -7.81 -12.88
N TYR A 220 -7.70 -6.79 -13.01
CA TYR A 220 -8.14 -5.46 -13.45
C TYR A 220 -9.23 -4.90 -12.55
N ILE A 221 -9.12 -5.23 -11.25
CA ILE A 221 -10.02 -4.73 -10.19
C ILE A 221 -11.52 -5.03 -10.47
N GLU A 222 -11.79 -6.15 -11.15
CA GLU A 222 -13.16 -6.66 -11.29
C GLU A 222 -13.72 -6.94 -9.90
N LYS A 223 -14.84 -6.29 -9.57
CA LYS A 223 -15.46 -6.33 -8.24
C LYS A 223 -15.77 -7.75 -7.74
N SER A 224 -16.32 -8.56 -8.64
CA SER A 224 -16.67 -9.97 -8.34
C SER A 224 -15.44 -10.86 -8.15
N LYS A 225 -14.26 -10.34 -8.50
CA LYS A 225 -13.01 -11.10 -8.44
C LYS A 225 -12.08 -10.61 -7.34
N SER A 226 -12.51 -9.60 -6.59
CA SER A 226 -11.66 -9.01 -5.58
C SER A 226 -11.25 -10.05 -4.54
N PRO A 227 -10.10 -9.87 -3.89
CA PRO A 227 -9.73 -10.80 -2.84
C PRO A 227 -10.85 -10.99 -1.78
N PRO A 228 -11.51 -9.90 -1.31
CA PRO A 228 -12.64 -10.11 -0.39
C PRO A 228 -13.79 -10.94 -0.98
N ALA A 229 -14.24 -10.63 -2.20
CA ALA A 229 -15.33 -11.38 -2.82
C ALA A 229 -14.96 -12.85 -3.04
N GLU A 230 -13.73 -13.10 -3.46
CA GLU A 230 -13.24 -14.46 -3.74
C GLU A 230 -13.03 -15.28 -2.46
N PHE A 231 -12.35 -14.71 -1.48
CA PHE A 231 -12.18 -15.39 -0.19
C PHE A 231 -13.51 -15.65 0.53
N MET A 232 -14.43 -14.68 0.50
CA MET A 232 -15.76 -14.86 1.10
C MET A 232 -16.54 -16.00 0.45
N ARG A 233 -16.43 -16.11 -0.88
CA ARG A 233 -17.03 -17.21 -1.60
C ARG A 233 -16.47 -18.54 -1.10
N MET A 234 -15.15 -18.59 -0.91
CA MET A 234 -14.49 -19.84 -0.57
C MET A 234 -14.77 -20.29 0.85
N ILE A 235 -14.90 -19.35 1.78
CA ILE A 235 -15.24 -19.71 3.15
C ILE A 235 -16.75 -19.81 3.32
N GLY A 236 -17.49 -19.18 2.39
CA GLY A 236 -18.97 -19.13 2.45
C GLY A 236 -19.43 -17.74 2.86
N ASN A 237 -20.36 -17.17 2.09
CA ASN A 237 -20.80 -15.79 2.31
C ASN A 237 -21.56 -15.60 3.64
N ASP A 238 -21.98 -16.72 4.21
CA ASP A 238 -22.67 -16.74 5.49
C ASP A 238 -21.75 -16.46 6.68
N LYS A 239 -20.43 -16.49 6.49
CA LYS A 239 -19.49 -16.22 7.59
C LYS A 239 -19.43 -14.72 7.87
N GLN A 240 -19.32 -14.38 9.15
CA GLN A 240 -19.46 -13.01 9.62
C GLN A 240 -18.48 -12.72 10.75
N GLY A 241 -18.05 -11.45 10.84
CA GLY A 241 -17.20 -10.99 11.93
C GLY A 241 -15.98 -11.89 12.14
N GLN A 242 -15.69 -12.21 13.39
CA GLN A 242 -14.49 -12.99 13.72
C GLN A 242 -14.45 -14.36 13.07
N MET A 243 -15.62 -14.92 12.75
CA MET A 243 -15.68 -16.23 12.08
C MET A 243 -15.07 -16.20 10.67
N ILE A 244 -15.06 -15.03 10.05
CA ILE A 244 -14.39 -14.86 8.76
C ILE A 244 -12.89 -15.16 8.92
N VAL A 245 -12.28 -14.56 9.93
CA VAL A 245 -10.86 -14.79 10.23
C VAL A 245 -10.59 -16.27 10.56
N PHE A 246 -11.43 -16.88 11.39
CA PHE A 246 -11.29 -18.30 11.73
C PHE A 246 -11.32 -19.20 10.49
N HIS A 247 -12.31 -18.99 9.61
CA HIS A 247 -12.44 -19.79 8.40
C HIS A 247 -11.38 -19.53 7.36
N LEU A 248 -10.96 -18.27 7.23
CA LEU A 248 -9.88 -17.89 6.33
C LEU A 248 -8.54 -18.56 6.69
N ILE A 249 -8.21 -18.56 7.99
CA ILE A 249 -7.02 -19.22 8.52
C ILE A 249 -7.06 -20.68 8.12
N GLU A 250 -8.20 -21.32 8.37
CA GLU A 250 -8.39 -22.73 8.04
C GLU A 250 -8.34 -22.96 6.53
N LEU A 251 -8.93 -22.05 5.76
CA LEU A 251 -8.86 -22.14 4.32
C LEU A 251 -7.40 -22.10 3.85
N LEU A 252 -6.66 -21.07 4.27
CA LEU A 252 -5.23 -20.91 3.89
C LEU A 252 -4.33 -22.08 4.32
N LYS A 253 -4.55 -22.59 5.53
CA LYS A 253 -3.81 -23.77 6.04
C LYS A 253 -3.94 -24.99 5.15
N ASN A 254 -5.09 -25.09 4.48
CA ASN A 254 -5.40 -26.22 3.61
C ASN A 254 -5.20 -25.89 2.14
N ASN A 255 -4.42 -24.84 1.90
CA ASN A 255 -4.02 -24.43 0.55
C ASN A 255 -5.12 -23.84 -0.34
N GLY A 256 -6.22 -23.40 0.28
CA GLY A 256 -7.17 -22.56 -0.43
C GLY A 256 -6.44 -21.30 -0.84
N ARG A 257 -6.59 -20.93 -2.10
CA ARG A 257 -5.93 -19.74 -2.65
C ARG A 257 -6.84 -19.01 -3.62
N LEU A 258 -6.56 -17.73 -3.85
CA LEU A 258 -7.20 -17.01 -4.93
C LEU A 258 -6.95 -17.75 -6.26
N PRO A 259 -7.95 -17.79 -7.14
CA PRO A 259 -7.77 -18.52 -8.40
C PRO A 259 -6.85 -17.76 -9.33
N ARG A 260 -6.38 -18.43 -10.38
CA ARG A 260 -5.66 -17.76 -11.46
C ARG A 260 -6.61 -16.82 -12.20
N PRO A 261 -6.24 -15.52 -12.33
CA PRO A 261 -7.11 -14.58 -13.06
C PRO A 261 -7.17 -14.93 -14.54
N ASP A 262 -8.34 -14.75 -15.14
CA ASP A 262 -8.54 -15.09 -16.54
C ASP A 262 -7.56 -14.31 -17.41
N GLY A 263 -6.84 -15.02 -18.27
CA GLY A 263 -5.88 -14.40 -19.19
C GLY A 263 -4.50 -14.17 -18.63
N CYS A 264 -4.30 -14.53 -17.36
CA CYS A 264 -3.05 -14.32 -16.68
C CYS A 264 -1.98 -15.26 -17.22
N PRO A 265 -0.86 -14.70 -17.73
CA PRO A 265 0.28 -15.49 -18.16
C PRO A 265 0.72 -16.43 -17.05
N ASP A 266 1.11 -17.65 -17.42
CA ASP A 266 1.51 -18.69 -16.48
C ASP A 266 2.61 -18.28 -15.51
N GLU A 267 3.67 -17.67 -16.04
CA GLU A 267 4.83 -17.28 -15.25
C GLU A 267 4.51 -16.17 -14.25
N ILE A 268 3.48 -15.37 -14.56
CA ILE A 268 2.96 -14.36 -13.62
C ILE A 268 2.17 -15.04 -12.51
N TYR A 269 1.33 -15.99 -12.90
CA TYR A 269 0.57 -16.77 -11.93
C TYR A 269 1.46 -17.58 -10.98
N MET A 270 2.52 -18.18 -11.50
CA MET A 270 3.53 -18.87 -10.68
C MET A 270 4.10 -17.97 -9.58
N ILE A 271 4.43 -16.74 -9.94
CA ILE A 271 4.92 -15.74 -8.96
C ILE A 271 3.93 -15.53 -7.79
N MET A 272 2.66 -15.28 -8.10
CA MET A 272 1.61 -15.15 -7.05
C MET A 272 1.63 -16.31 -6.08
N THR A 273 1.57 -17.52 -6.61
CA THR A 273 1.46 -18.72 -5.79
C THR A 273 2.71 -18.97 -4.95
N GLU A 274 3.87 -18.52 -5.44
CA GLU A 274 5.10 -18.61 -4.66
C GLU A 274 5.11 -17.64 -3.48
N CYS A 275 4.58 -16.42 -3.72
CA CYS A 275 4.37 -15.44 -2.66
C CYS A 275 3.40 -15.98 -1.60
N TRP A 276 2.37 -16.71 -2.02
CA TRP A 276 1.40 -17.28 -1.08
C TRP A 276 1.83 -18.62 -0.50
N ASN A 277 3.07 -18.73 -0.07
CA ASN A 277 3.52 -19.97 0.55
C ASN A 277 3.27 -19.91 2.05
N ASN A 278 2.64 -20.96 2.59
CA ASN A 278 2.47 -21.09 4.04
C ASN A 278 3.81 -21.04 4.77
N ASN A 279 4.84 -21.61 4.15
CA ASN A 279 6.18 -21.58 4.70
C ASN A 279 6.78 -20.20 4.44
N VAL A 280 7.02 -19.49 5.52
CA VAL A 280 7.46 -18.08 5.49
C VAL A 280 8.82 -17.92 4.80
N ASN A 281 9.71 -18.86 5.08
CA ASN A 281 11.09 -18.79 4.60
C ASN A 281 11.23 -19.14 3.12
N GLN A 282 10.19 -19.75 2.57
CA GLN A 282 10.19 -20.19 1.18
C GLN A 282 9.60 -19.16 0.22
N ARG A 283 9.12 -18.05 0.75
CA ARG A 283 8.59 -16.98 -0.10
C ARG A 283 9.76 -16.26 -0.76
N PRO A 284 9.61 -15.89 -2.05
CA PRO A 284 10.72 -15.17 -2.69
C PRO A 284 11.03 -13.84 -1.99
N SER A 285 12.21 -13.31 -2.30
CA SER A 285 12.58 -11.98 -1.81
C SER A 285 12.14 -10.94 -2.84
N PHE A 286 11.95 -9.71 -2.39
CA PHE A 286 11.64 -8.64 -3.33
C PHE A 286 12.78 -8.41 -4.33
N ARG A 287 14.02 -8.61 -3.90
CA ARG A 287 15.14 -8.47 -4.84
C ARG A 287 14.98 -9.46 -5.99
N ASP A 288 14.71 -10.72 -5.66
CA ASP A 288 14.52 -11.74 -6.69
C ASP A 288 13.29 -11.52 -7.54
N LEU A 289 12.22 -11.02 -6.92
CA LEU A 289 10.99 -10.73 -7.65
C LEU A 289 11.20 -9.64 -8.69
N ALA A 290 11.89 -8.54 -8.35
CA ALA A 290 12.17 -7.50 -9.33
C ALA A 290 12.99 -8.04 -10.49
N LEU A 291 14.01 -8.84 -10.18
CA LEU A 291 14.84 -9.50 -11.19
C LEU A 291 13.99 -10.41 -12.11
N ARG A 292 13.19 -11.27 -11.50
CA ARG A 292 12.33 -12.18 -12.27
C ARG A 292 11.33 -11.43 -13.16
N VAL A 293 10.71 -10.39 -12.59
CA VAL A 293 9.69 -9.64 -13.29
C VAL A 293 10.31 -8.90 -14.46
N ASP A 294 11.49 -8.33 -14.25
CA ASP A 294 12.21 -7.63 -15.29
C ASP A 294 12.64 -8.60 -16.39
N GLN A 295 12.98 -9.84 -16.02
CA GLN A 295 13.25 -10.91 -17.01
C GLN A 295 12.04 -11.17 -17.91
N ILE A 296 10.87 -11.39 -17.31
CA ILE A 296 9.64 -11.62 -18.06
C ILE A 296 9.29 -10.47 -19.02
N ARG A 297 9.42 -9.23 -18.56
CA ARG A 297 9.20 -8.05 -19.42
C ARG A 297 10.18 -8.04 -20.59
N ASP A 298 11.43 -8.44 -20.29
CA ASP A 298 12.49 -8.49 -21.29
C ASP A 298 12.15 -9.50 -22.39
N ASN A 299 11.67 -10.68 -22.01
CA ASN A 299 11.23 -11.70 -22.96
C ASN A 299 10.09 -11.22 -23.87
N MET A 300 9.19 -10.41 -23.32
CA MET A 300 7.97 -9.97 -24.03
C MET A 300 8.22 -9.01 -25.20
C4 0X2 B . -4.58 7.68 -0.72
C5 0X2 B . -3.89 6.49 -0.53
C6 0X2 B . -4.41 5.48 0.28
C11 0X2 B . -1.49 11.88 -3.53
C7 0X2 B . -3.99 8.77 -1.61
C8 0X2 B . -2.06 10.34 -1.78
C9 0X2 B . -0.84 10.64 -1.19
C10 0X2 B . 0.03 11.58 -1.77
C12 0X2 B . -2.39 10.95 -2.99
N1 0X2 B . -2.87 9.35 -1.15
N2 0X2 B . -0.31 12.15 -2.93
C3 0X2 B . -5.79 7.81 -0.07
O2 0X2 B . -1.78 12.44 -4.60
O1 0X2 B . -4.51 9.10 -2.67
CL2 0X2 B . -6.68 9.30 -0.31
C2 0X2 B . -6.34 6.82 0.74
CL1 0X2 B . -2.33 6.25 -1.35
C1 0X2 B . -5.63 5.63 0.92
#